data_5IQU
#
_entry.id   5IQU
#
_cell.length_a   74.107
_cell.length_b   54.127
_cell.length_c   74.639
_cell.angle_alpha   90.000
_cell.angle_beta   90.790
_cell.angle_gamma   90.000
#
_symmetry.space_group_name_H-M   'C 1 2 1'
#
loop_
_entity.id
_entity.type
_entity.pdbx_description
1 polymer WelO5
2 non-polymer 'FE (II) ION'
3 non-polymer '2-OXOGLUTARIC ACID'
4 non-polymer (6aS,9R,10R,10aS)-9-ethyl-10-isocyano-6,6,9-trimethyl-5,6,6a,7,8,9,10,10a-octahydroindeno[2,1-b]indole
5 water water
#
_entity_poly.entity_id   1
_entity_poly.type   'polypeptide(L)'
_entity_poly.pdbx_seq_one_letter_code
;MKHHHHHHHSDYDIPTTENLYFQGSMSNNTVSTKPALHFLDINATEVKKYPTAIQDIIINRSFDGMIIRGVFPRDTMEQV
ARCLEEGNDGGMKSILNKNEEFGTKVAQIYGHAIVGQSPDLKDYFASSAIFRQACRTMFQGSPDFEEQVESIFHSLSGLP
VEIPTGPEGQTYTPATIRLLLEGREIAVHVDNDFLLMPAANHLKTLLDLSDQLSYFIPLTVPEAGGELVVYSLEWNPQEA
SKYAQMQEYMDDVEFKIKSNQSQSVAYAPGPGDMLLFNGGRYYHRVSEVIGNSPRRTIGGFLAFSKQRDKIYYWS
;
_entity_poly.pdbx_strand_id   A
#
# COMPACT_ATOMS: atom_id res chain seq x y z
N ALA A 36 15.94 7.43 -13.21
CA ALA A 36 15.10 8.67 -13.11
C ALA A 36 13.73 8.39 -12.48
N LEU A 37 13.52 8.89 -11.26
CA LEU A 37 12.23 8.77 -10.56
C LEU A 37 11.54 10.12 -10.46
N HIS A 38 10.25 10.15 -10.77
CA HIS A 38 9.47 11.39 -10.81
C HIS A 38 8.13 11.23 -10.10
N PHE A 39 7.91 12.08 -9.09
CA PHE A 39 6.69 12.07 -8.29
C PHE A 39 5.99 13.43 -8.34
N LEU A 40 4.67 13.40 -8.24
CA LEU A 40 3.89 14.61 -8.02
C LEU A 40 3.61 14.76 -6.54
N ASP A 41 3.20 15.96 -6.15
CA ASP A 41 2.86 16.27 -4.77
C ASP A 41 1.71 17.26 -4.83
N ILE A 42 0.50 16.76 -4.64
CA ILE A 42 -0.70 17.58 -4.76
C ILE A 42 -1.54 17.46 -3.50
N ASN A 43 -2.46 18.41 -3.32
CA ASN A 43 -3.43 18.34 -2.24
C ASN A 43 -4.59 17.46 -2.68
N ALA A 44 -5.35 16.94 -1.72
CA ALA A 44 -6.50 16.07 -2.00
C ALA A 44 -7.56 16.78 -2.83
N THR A 45 -7.64 18.10 -2.70
CA THR A 45 -8.57 18.91 -3.47
C THR A 45 -8.21 18.98 -4.97
N GLU A 46 -6.93 18.77 -5.28
CA GLU A 46 -6.42 18.92 -6.65
C GLU A 46 -6.61 17.68 -7.55
N VAL A 47 -7.10 16.59 -6.98
CA VAL A 47 -7.18 15.30 -7.70
C VAL A 47 -7.91 15.37 -9.05
N LYS A 48 -8.88 16.27 -9.15
CA LYS A 48 -9.66 16.44 -10.39
C LYS A 48 -8.95 17.27 -11.47
N LYS A 49 -7.75 17.77 -11.18
CA LYS A 49 -6.86 18.35 -12.19
C LYS A 49 -6.06 17.25 -12.90
N TYR A 50 -6.15 16.01 -12.38
CA TYR A 50 -5.35 14.88 -12.85
C TYR A 50 -6.20 13.65 -13.09
N PRO A 51 -7.05 13.67 -14.13
CA PRO A 51 -7.98 12.57 -14.38
C PRO A 51 -7.35 11.34 -15.07
N THR A 52 -6.09 11.44 -15.50
CA THR A 52 -5.42 10.32 -16.15
C THR A 52 -4.11 9.98 -15.45
N ALA A 53 -4.02 10.28 -14.16
CA ALA A 53 -2.80 10.05 -13.39
C ALA A 53 -2.47 8.57 -13.26
N ILE A 54 -3.49 7.76 -12.99
CA ILE A 54 -3.29 6.31 -12.83
C ILE A 54 -2.92 5.68 -14.18
N GLN A 55 -3.45 6.21 -15.27
CA GLN A 55 -3.05 5.78 -16.61
C GLN A 55 -1.61 6.21 -16.87
N ASP A 56 -1.30 7.47 -16.56
CA ASP A 56 0.04 8.02 -16.80
C ASP A 56 1.15 7.20 -16.14
N ILE A 57 0.90 6.75 -14.91
CA ILE A 57 1.89 5.97 -14.18
C ILE A 57 2.01 4.55 -14.72
N ILE A 58 0.87 3.86 -14.82
CA ILE A 58 0.84 2.44 -15.18
C ILE A 58 1.10 2.17 -16.66
N ILE A 59 0.36 2.84 -17.53
CA ILE A 59 0.40 2.57 -18.97
C ILE A 59 1.48 3.38 -19.69
N ASN A 60 1.38 4.70 -19.59
CA ASN A 60 2.31 5.61 -20.28
C ASN A 60 3.67 5.69 -19.59
N ARG A 61 3.70 5.45 -18.28
CA ARG A 61 4.93 5.51 -17.50
C ARG A 61 5.65 6.86 -17.62
N SER A 62 4.87 7.94 -17.62
CA SER A 62 5.42 9.30 -17.68
C SER A 62 5.92 9.80 -16.32
N PHE A 63 5.34 9.25 -15.24
CA PHE A 63 5.88 9.44 -13.89
C PHE A 63 5.56 8.23 -13.02
N ASP A 64 6.16 8.16 -11.83
CA ASP A 64 6.23 6.92 -11.07
C ASP A 64 5.46 6.88 -9.75
N GLY A 65 4.88 8.01 -9.33
CA GLY A 65 4.07 8.05 -8.11
C GLY A 65 3.62 9.45 -7.75
N MET A 66 2.90 9.57 -6.65
CA MET A 66 2.45 10.88 -6.17
C MET A 66 2.01 10.86 -4.70
N ILE A 67 2.05 12.03 -4.09
CA ILE A 67 1.58 12.21 -2.73
C ILE A 67 0.34 13.07 -2.79
N ILE A 68 -0.72 12.61 -2.14
CA ILE A 68 -1.97 13.34 -2.10
C ILE A 68 -2.22 13.78 -0.67
N ARG A 69 -2.08 15.08 -0.42
CA ARG A 69 -2.10 15.62 0.94
C ARG A 69 -3.52 15.72 1.47
N GLY A 70 -3.73 15.25 2.69
CA GLY A 70 -5.00 15.39 3.39
C GLY A 70 -6.18 14.72 2.71
N VAL A 71 -6.02 13.43 2.42
CA VAL A 71 -7.11 12.64 1.86
C VAL A 71 -8.12 12.39 2.96
N PHE A 72 -7.62 12.05 4.14
CA PHE A 72 -8.46 11.95 5.34
C PHE A 72 -8.08 13.03 6.33
N PRO A 73 -9.02 13.42 7.22
CA PRO A 73 -8.74 14.44 8.24
C PRO A 73 -7.86 13.92 9.37
N ARG A 74 -7.14 14.83 10.03
CA ARG A 74 -6.32 14.49 11.19
C ARG A 74 -7.21 13.92 12.29
N ASP A 75 -8.42 14.47 12.39
CA ASP A 75 -9.42 14.05 13.37
C ASP A 75 -9.70 12.56 13.25
N THR A 76 -10.05 12.14 12.03
CA THR A 76 -10.44 10.76 11.75
C THR A 76 -9.26 9.80 11.93
N MET A 77 -8.07 10.21 11.51
CA MET A 77 -6.88 9.37 11.61
C MET A 77 -6.57 9.10 13.07
N GLU A 78 -6.62 10.16 13.88
CA GLU A 78 -6.42 10.03 15.33
C GLU A 78 -7.55 9.21 15.98
N GLN A 79 -8.78 9.42 15.50
CA GLN A 79 -9.95 8.68 15.98
C GLN A 79 -9.82 7.17 15.74
N VAL A 80 -9.36 6.80 14.55
CA VAL A 80 -9.16 5.40 14.19
C VAL A 80 -8.01 4.80 15.00
N ALA A 81 -6.92 5.55 15.13
CA ALA A 81 -5.75 5.12 15.91
C ALA A 81 -6.12 4.85 17.37
N ARG A 82 -6.94 5.74 17.95
CA ARG A 82 -7.45 5.54 19.32
C ARG A 82 -8.24 4.25 19.43
N CYS A 83 -9.12 3.99 18.47
CA CYS A 83 -9.92 2.76 18.47
C CYS A 83 -9.05 1.50 18.47
N LEU A 84 -7.92 1.56 17.76
CA LEU A 84 -6.96 0.46 17.72
C LEU A 84 -6.20 0.33 19.02
N GLU A 85 -5.70 1.46 19.54
CA GLU A 85 -4.94 1.47 20.79
C GLU A 85 -5.80 1.03 21.97
N GLU A 86 -6.98 1.66 22.11
CA GLU A 86 -7.92 1.37 23.21
C GLU A 86 -8.47 -0.06 23.19
N GLY A 87 -8.70 -0.62 22.01
CA GLY A 87 -9.22 -1.99 21.88
C GLY A 87 -10.64 -2.07 21.34
N ASN A 88 -11.37 -0.95 21.38
CA ASN A 88 -12.69 -0.88 20.76
C ASN A 88 -12.55 -0.65 19.25
N ASP A 89 -12.19 -1.72 18.55
CA ASP A 89 -11.79 -1.66 17.14
C ASP A 89 -12.68 -2.50 16.23
N GLY A 90 -13.90 -2.79 16.68
CA GLY A 90 -14.85 -3.57 15.89
C GLY A 90 -14.40 -4.99 15.60
N GLY A 91 -13.54 -5.55 16.45
CA GLY A 91 -13.06 -6.92 16.27
C GLY A 91 -11.87 -7.08 15.34
N MET A 92 -11.13 -5.99 15.12
CA MET A 92 -9.96 -6.01 14.23
C MET A 92 -8.77 -6.74 14.85
N LYS A 93 -8.62 -6.62 16.17
CA LYS A 93 -7.56 -7.35 16.91
C LYS A 93 -7.64 -8.87 16.71
N SER A 94 -8.84 -9.37 16.41
CA SER A 94 -9.03 -10.79 16.12
C SER A 94 -8.28 -11.26 14.88
N ILE A 95 -8.03 -10.34 13.94
CA ILE A 95 -7.32 -10.67 12.70
C ILE A 95 -5.91 -10.06 12.61
N LEU A 96 -5.31 -9.79 13.77
CA LEU A 96 -3.94 -9.25 13.82
C LEU A 96 -2.90 -10.38 13.71
N ASN A 97 -2.06 -10.31 12.69
CA ASN A 97 -0.95 -11.25 12.50
C ASN A 97 0.35 -10.61 12.97
N LYS A 98 0.88 -11.08 14.09
CA LYS A 98 2.08 -10.48 14.67
C LYS A 98 3.37 -10.81 13.93
N ASN A 99 3.34 -11.82 13.07
CA ASN A 99 4.53 -12.23 12.30
C ASN A 99 5.78 -12.34 13.17
N GLU A 100 5.70 -13.26 14.14
CA GLU A 100 6.67 -13.35 15.23
C GLU A 100 8.00 -13.96 14.80
N GLU A 101 7.94 -14.88 13.83
CA GLU A 101 9.11 -15.67 13.44
C GLU A 101 9.88 -15.10 12.25
N PHE A 102 9.39 -13.98 11.70
CA PHE A 102 10.08 -13.28 10.61
C PHE A 102 10.58 -11.93 11.16
N GLY A 103 11.37 -12.01 12.23
CA GLY A 103 11.64 -10.86 13.10
C GLY A 103 12.29 -9.62 12.52
N THR A 104 11.76 -8.46 12.90
CA THR A 104 12.38 -7.12 12.75
C THR A 104 12.15 -6.40 11.41
N LYS A 105 12.33 -7.08 10.28
CA LYS A 105 12.15 -6.43 8.97
C LYS A 105 10.85 -6.82 8.27
N VAL A 106 9.80 -7.00 9.08
CA VAL A 106 8.45 -7.19 8.62
C VAL A 106 7.56 -6.45 9.63
N ALA A 107 6.28 -6.27 9.31
CA ALA A 107 5.37 -5.52 10.14
C ALA A 107 4.29 -6.44 10.70
N GLN A 108 3.69 -6.06 11.81
CA GLN A 108 2.47 -6.70 12.27
C GLN A 108 1.36 -6.21 11.36
N ILE A 109 0.40 -7.06 11.05
CA ILE A 109 -0.60 -6.71 10.04
C ILE A 109 -2.01 -7.17 10.41
N TYR A 110 -2.94 -6.22 10.39
CA TYR A 110 -4.35 -6.52 10.63
C TYR A 110 -4.99 -6.98 9.33
N GLY A 111 -5.38 -8.26 9.28
CA GLY A 111 -5.99 -8.88 8.10
C GLY A 111 -5.01 -9.80 7.42
N HIS A 112 -5.53 -10.69 6.57
CA HIS A 112 -4.67 -11.59 5.78
C HIS A 112 -4.30 -10.93 4.45
N ALA A 113 -3.00 -10.81 4.20
CA ALA A 113 -2.50 -10.27 2.94
C ALA A 113 -2.31 -11.40 1.94
N ILE A 114 -2.43 -11.08 0.65
CA ILE A 114 -2.38 -12.08 -0.41
C ILE A 114 -0.97 -12.18 -0.99
N ASP A 123 -9.23 -18.97 4.37
CA ASP A 123 -8.93 -18.13 5.53
C ASP A 123 -8.90 -16.64 5.17
N TYR A 124 -8.35 -16.33 4.00
CA TYR A 124 -8.27 -14.95 3.53
C TYR A 124 -9.64 -14.26 3.49
N PHE A 125 -10.62 -14.95 2.95
CA PHE A 125 -11.94 -14.37 2.72
C PHE A 125 -12.68 -14.03 4.02
N ALA A 126 -12.36 -14.78 5.08
CA ALA A 126 -12.94 -14.53 6.40
C ALA A 126 -12.48 -13.19 6.97
N SER A 127 -11.17 -13.04 7.09
CA SER A 127 -10.56 -11.83 7.66
C SER A 127 -10.97 -10.59 6.88
N SER A 128 -11.15 -10.76 5.58
CA SER A 128 -11.57 -9.68 4.71
C SER A 128 -12.91 -9.10 5.18
N ALA A 129 -13.86 -9.98 5.47
CA ALA A 129 -15.17 -9.57 5.97
C ALA A 129 -15.07 -8.88 7.33
N ILE A 130 -14.26 -9.45 8.22
CA ILE A 130 -14.07 -8.87 9.55
C ILE A 130 -13.40 -7.49 9.46
N PHE A 131 -12.41 -7.36 8.57
CA PHE A 131 -11.72 -6.09 8.34
C PHE A 131 -12.68 -5.00 7.86
N ARG A 132 -13.38 -5.29 6.77
CA ARG A 132 -14.30 -4.31 6.16
C ARG A 132 -15.33 -3.81 7.15
N GLN A 133 -15.82 -4.71 7.99
CA GLN A 133 -16.78 -4.37 9.04
C GLN A 133 -16.09 -3.53 10.10
N ALA A 134 -14.95 -4.00 10.58
CA ALA A 134 -14.18 -3.30 11.61
C ALA A 134 -13.80 -1.91 11.16
N CYS A 135 -13.20 -1.82 9.98
CA CYS A 135 -12.82 -0.54 9.39
C CYS A 135 -14.01 0.40 9.28
N ARG A 136 -15.15 -0.14 8.87
CA ARG A 136 -16.40 0.63 8.75
C ARG A 136 -16.77 1.28 10.09
N THR A 137 -16.69 0.47 11.15
CA THR A 137 -17.00 0.90 12.52
C THR A 137 -16.20 2.13 12.94
N MET A 138 -14.87 2.05 12.81
CA MET A 138 -13.96 3.05 13.36
C MET A 138 -14.02 4.37 12.61
N PHE A 139 -14.00 4.31 11.29
CA PHE A 139 -14.04 5.52 10.46
C PHE A 139 -15.35 6.29 10.65
N GLN A 140 -16.42 5.58 11.01
CA GLN A 140 -17.72 6.17 11.31
C GLN A 140 -18.24 7.07 10.18
N GLY A 141 -17.93 6.69 8.94
CA GLY A 141 -18.31 7.46 7.77
C GLY A 141 -18.03 8.95 7.91
N SER A 142 -16.84 9.29 8.40
CA SER A 142 -16.48 10.69 8.63
C SER A 142 -15.09 11.12 8.09
N PRO A 143 -14.74 10.78 6.85
CA PRO A 143 -15.56 10.01 5.91
C PRO A 143 -15.25 8.52 5.96
N ASP A 144 -16.04 7.72 5.25
CA ASP A 144 -15.82 6.28 5.22
C ASP A 144 -14.56 5.96 4.42
N PHE A 145 -13.85 4.91 4.83
CA PHE A 145 -12.58 4.55 4.19
C PHE A 145 -12.74 4.16 2.73
N GLU A 146 -13.63 3.21 2.47
CA GLU A 146 -13.86 2.70 1.12
C GLU A 146 -14.41 3.76 0.18
N GLU A 147 -15.38 4.54 0.66
CA GLU A 147 -16.01 5.59 -0.16
C GLU A 147 -15.08 6.76 -0.47
N GLN A 148 -14.24 7.14 0.50
CA GLN A 148 -13.29 8.23 0.28
C GLN A 148 -12.16 7.81 -0.67
N VAL A 149 -11.63 6.61 -0.45
CA VAL A 149 -10.52 6.08 -1.26
C VAL A 149 -10.96 5.87 -2.72
N GLU A 150 -12.11 5.22 -2.90
CA GLU A 150 -12.66 4.99 -4.24
C GLU A 150 -12.92 6.29 -4.99
N SER A 151 -13.29 7.33 -4.24
CA SER A 151 -13.48 8.67 -4.82
C SER A 151 -12.17 9.24 -5.37
N ILE A 152 -11.07 8.97 -4.66
CA ILE A 152 -9.75 9.43 -5.08
C ILE A 152 -9.29 8.70 -6.34
N PHE A 153 -9.38 7.37 -6.32
CA PHE A 153 -8.96 6.59 -7.49
C PHE A 153 -9.83 6.90 -8.71
N HIS A 154 -11.10 7.21 -8.48
CA HIS A 154 -12.02 7.60 -9.56
C HIS A 154 -11.69 8.99 -10.12
N SER A 155 -11.34 9.93 -9.24
CA SER A 155 -10.96 11.27 -9.69
C SER A 155 -9.67 11.25 -10.51
N LEU A 156 -8.79 10.28 -10.23
CA LEU A 156 -7.50 10.19 -10.91
C LEU A 156 -7.50 9.31 -12.17
N SER A 157 -8.65 8.73 -12.50
CA SER A 157 -8.80 7.81 -13.64
C SER A 157 -10.02 8.09 -14.53
N GLY A 158 -11.17 8.40 -13.92
CA GLY A 158 -12.42 8.53 -14.64
C GLY A 158 -13.04 7.17 -14.96
N LEU A 159 -12.64 6.15 -14.17
CA LEU A 159 -13.13 4.79 -14.33
C LEU A 159 -13.84 4.33 -13.06
N PRO A 160 -14.72 3.32 -13.18
CA PRO A 160 -15.40 2.80 -11.99
C PRO A 160 -14.43 2.06 -11.07
N VAL A 161 -14.59 2.24 -9.76
CA VAL A 161 -13.69 1.64 -8.78
C VAL A 161 -14.43 0.63 -7.92
N GLU A 162 -13.95 -0.61 -7.91
CA GLU A 162 -14.60 -1.68 -7.18
C GLU A 162 -13.57 -2.55 -6.47
N ILE A 163 -14.01 -3.18 -5.39
CA ILE A 163 -13.19 -4.16 -4.69
C ILE A 163 -13.42 -5.50 -5.38
N PRO A 164 -12.34 -6.22 -5.72
CA PRO A 164 -12.54 -7.51 -6.41
C PRO A 164 -13.40 -8.50 -5.63
N THR A 165 -14.01 -9.42 -6.37
CA THR A 165 -14.93 -10.42 -5.83
C THR A 165 -14.40 -11.83 -6.10
N GLY A 166 -14.74 -12.77 -5.21
CA GLY A 166 -14.33 -14.15 -5.36
C GLY A 166 -15.16 -14.91 -6.39
N PRO A 167 -14.89 -16.21 -6.55
CA PRO A 167 -15.63 -17.03 -7.54
C PRO A 167 -17.15 -16.98 -7.34
N GLU A 168 -17.59 -17.08 -6.09
CA GLU A 168 -19.04 -17.07 -5.77
C GLU A 168 -19.45 -15.90 -4.85
N GLY A 169 -18.88 -14.72 -5.08
CA GLY A 169 -19.34 -13.50 -4.41
C GLY A 169 -18.60 -13.03 -3.17
N GLN A 170 -17.53 -13.74 -2.78
CA GLN A 170 -16.75 -13.36 -1.58
C GLN A 170 -15.93 -12.10 -1.87
N THR A 171 -16.11 -11.08 -1.04
CA THR A 171 -15.33 -9.85 -1.18
C THR A 171 -13.86 -10.07 -0.80
N TYR A 172 -12.99 -9.38 -1.52
CA TYR A 172 -11.58 -9.26 -1.14
C TYR A 172 -11.49 -8.12 -0.13
N THR A 173 -10.43 -8.12 0.68
CA THR A 173 -10.19 -7.00 1.59
C THR A 173 -9.64 -5.83 0.77
N PRO A 174 -10.20 -4.63 0.95
CA PRO A 174 -9.72 -3.48 0.20
C PRO A 174 -8.33 -3.06 0.66
N ALA A 175 -8.03 -3.27 1.93
CA ALA A 175 -6.80 -2.83 2.53
C ALA A 175 -6.39 -3.74 3.68
N THR A 176 -5.21 -3.45 4.24
CA THR A 176 -4.77 -4.04 5.50
C THR A 176 -4.12 -2.90 6.28
N ILE A 177 -4.00 -3.08 7.59
CA ILE A 177 -3.33 -2.12 8.46
C ILE A 177 -1.99 -2.69 8.89
N ARG A 178 -0.91 -1.97 8.59
CA ARG A 178 0.45 -2.39 8.89
C ARG A 178 0.94 -1.62 10.11
N LEU A 179 1.54 -2.34 11.05
CA LEU A 179 1.94 -1.79 12.35
C LEU A 179 3.45 -1.98 12.53
N LEU A 180 4.20 -0.89 12.45
CA LEU A 180 5.64 -0.93 12.67
C LEU A 180 5.97 -0.29 14.02
N LEU A 181 6.45 -1.11 14.94
CA LEU A 181 6.83 -0.64 16.25
C LEU A 181 8.24 -0.10 16.22
N GLU A 182 8.65 0.49 17.33
CA GLU A 182 10.01 0.96 17.52
C GLU A 182 11.02 -0.16 17.21
N GLY A 183 12.03 0.16 16.40
CA GLY A 183 13.06 -0.79 16.03
C GLY A 183 12.73 -1.66 14.82
N ARG A 184 11.50 -1.59 14.33
CA ARG A 184 11.05 -2.43 13.21
C ARG A 184 11.05 -1.65 11.91
N GLU A 185 11.23 -2.37 10.82
CA GLU A 185 11.21 -1.80 9.47
C GLU A 185 10.49 -2.74 8.50
N ILE A 186 10.45 -2.37 7.23
CA ILE A 186 10.02 -3.29 6.19
C ILE A 186 11.19 -3.41 5.22
N ALA A 187 11.70 -4.63 5.06
CA ALA A 187 12.86 -4.90 4.21
C ALA A 187 12.59 -4.54 2.76
N VAL A 188 13.64 -4.20 2.03
CA VAL A 188 13.49 -3.79 0.63
C VAL A 188 12.86 -4.92 -0.18
N HIS A 189 11.94 -4.55 -1.06
CA HIS A 189 11.21 -5.52 -1.86
C HIS A 189 10.51 -4.88 -3.05
N VAL A 190 9.98 -5.73 -3.91
CA VAL A 190 9.14 -5.30 -5.03
C VAL A 190 7.85 -6.11 -4.97
N ASP A 191 6.73 -5.46 -5.31
CA ASP A 191 5.42 -6.11 -5.23
C ASP A 191 4.98 -6.71 -6.57
N ASN A 192 5.83 -7.58 -7.13
CA ASN A 192 5.56 -8.28 -8.39
C ASN A 192 4.52 -9.39 -8.20
N ASP A 193 4.18 -10.06 -9.29
CA ASP A 193 3.13 -11.08 -9.28
C ASP A 193 3.60 -12.33 -8.54
N ALA A 199 -3.22 -16.88 -3.79
CA ALA A 199 -4.32 -17.57 -4.45
C ALA A 199 -3.85 -18.15 -5.80
N ALA A 200 -3.30 -17.27 -6.64
CA ALA A 200 -2.65 -17.66 -7.91
C ALA A 200 -3.54 -18.32 -8.98
N ASN A 201 -4.65 -17.71 -9.43
CA ASN A 201 -5.32 -16.55 -8.81
C ASN A 201 -6.63 -16.21 -9.54
N HIS A 202 -7.68 -15.95 -8.77
CA HIS A 202 -8.92 -15.43 -9.33
C HIS A 202 -8.72 -13.98 -9.81
N LEU A 203 -7.96 -13.20 -9.05
CA LEU A 203 -7.67 -11.80 -9.40
C LEU A 203 -7.13 -11.61 -10.80
N LYS A 204 -6.13 -12.42 -11.16
CA LYS A 204 -5.51 -12.34 -12.48
C LYS A 204 -6.53 -12.25 -13.63
N THR A 205 -7.66 -12.94 -13.50
CA THR A 205 -8.70 -12.96 -14.53
C THR A 205 -9.52 -11.67 -14.60
N LEU A 206 -9.47 -10.86 -13.54
CA LEU A 206 -10.12 -9.56 -13.53
C LEU A 206 -9.20 -8.44 -14.03
N LEU A 207 -7.90 -8.68 -13.96
CA LEU A 207 -6.89 -7.61 -14.03
C LEU A 207 -5.86 -7.77 -15.13
N ASP A 208 -4.85 -6.91 -15.06
CA ASP A 208 -3.49 -7.19 -15.53
C ASP A 208 -3.19 -6.58 -16.90
N LEU A 209 -3.20 -5.26 -16.94
CA LEU A 209 -2.66 -4.53 -18.08
C LEU A 209 -1.90 -3.26 -17.63
N SER A 210 -0.67 -3.39 -17.11
CA SER A 210 -0.10 -4.64 -16.56
C SER A 210 0.93 -4.37 -15.45
N ASP A 211 0.85 -3.19 -14.82
CA ASP A 211 1.64 -2.85 -13.64
C ASP A 211 0.67 -2.62 -12.50
N GLN A 212 1.03 -3.04 -11.28
CA GLN A 212 0.19 -2.75 -10.12
C GLN A 212 0.79 -1.64 -9.27
N LEU A 213 -0.04 -0.64 -8.93
CA LEU A 213 0.38 0.42 -8.04
C LEU A 213 0.16 -0.01 -6.60
N SER A 214 0.94 0.57 -5.70
CA SER A 214 0.74 0.41 -4.27
C SER A 214 0.22 1.73 -3.73
N TYR A 215 -0.58 1.65 -2.68
CA TYR A 215 -1.09 2.84 -2.02
C TYR A 215 -1.12 2.65 -0.51
N PHE A 216 -1.05 3.75 0.23
CA PHE A 216 -1.26 3.72 1.68
C PHE A 216 -1.47 5.11 2.26
N ILE A 217 -2.14 5.15 3.41
CA ILE A 217 -2.37 6.37 4.17
C ILE A 217 -1.95 6.09 5.61
N PRO A 218 -1.03 6.91 6.18
CA PRO A 218 -0.69 6.73 7.58
C PRO A 218 -1.83 7.13 8.51
N LEU A 219 -2.15 6.27 9.46
CA LEU A 219 -3.06 6.63 10.55
C LEU A 219 -2.25 7.38 11.61
N THR A 220 -1.10 6.82 11.96
CA THR A 220 -0.14 7.50 12.82
C THR A 220 1.28 7.37 12.25
N VAL A 221 2.11 8.38 12.51
CA VAL A 221 3.49 8.40 12.06
C VAL A 221 4.43 8.40 13.27
N PRO A 222 5.66 7.91 13.10
CA PRO A 222 6.62 7.91 14.21
C PRO A 222 7.30 9.27 14.37
N GLU A 223 8.13 9.39 15.42
CA GLU A 223 8.88 10.63 15.66
C GLU A 223 9.92 10.81 14.57
N ALA A 224 10.79 9.82 14.44
CA ALA A 224 11.78 9.78 13.39
C ALA A 224 11.65 8.45 12.66
N GLY A 225 12.31 8.34 11.52
CA GLY A 225 12.28 7.11 10.73
C GLY A 225 10.89 6.83 10.18
N GLY A 226 10.65 5.58 9.80
CA GLY A 226 9.40 5.18 9.19
C GLY A 226 9.17 5.83 7.83
N GLU A 227 10.25 6.03 7.10
CA GLU A 227 10.21 6.73 5.83
C GLU A 227 10.19 5.73 4.68
N LEU A 228 9.32 5.96 3.70
CA LEU A 228 9.30 5.17 2.49
C LEU A 228 10.46 5.61 1.61
N VAL A 229 11.38 4.70 1.31
CA VAL A 229 12.45 4.97 0.36
C VAL A 229 12.19 4.14 -0.90
N VAL A 230 12.06 4.82 -2.03
CA VAL A 230 11.79 4.14 -3.31
C VAL A 230 13.02 4.27 -4.20
N TYR A 231 13.49 3.13 -4.71
CA TYR A 231 14.71 3.08 -5.51
C TYR A 231 14.41 2.99 -7.00
N SER A 232 15.34 3.46 -7.82
CA SER A 232 15.17 3.39 -9.28
C SER A 232 15.50 2.01 -9.82
N LEU A 233 16.08 1.16 -8.98
CA LEU A 233 16.36 -0.22 -9.34
C LEU A 233 15.02 -0.96 -9.50
N GLU A 234 14.81 -1.56 -10.68
CA GLU A 234 13.52 -2.17 -11.03
C GLU A 234 13.56 -3.69 -10.93
N TRP A 235 12.37 -4.30 -10.86
CA TRP A 235 12.25 -5.74 -10.99
C TRP A 235 12.57 -6.15 -12.43
N ASN A 236 13.48 -7.12 -12.57
CA ASN A 236 13.87 -7.66 -13.86
C ASN A 236 13.94 -9.17 -13.76
N PRO A 237 13.07 -9.88 -14.48
CA PRO A 237 13.09 -11.36 -14.41
C PRO A 237 14.35 -11.97 -15.01
N GLN A 238 15.01 -11.22 -15.91
CA GLN A 238 16.24 -11.66 -16.55
C GLN A 238 17.45 -11.53 -15.62
N GLU A 239 17.43 -10.53 -14.74
CA GLU A 239 18.46 -10.39 -13.69
C GLU A 239 18.34 -11.49 -12.63
N ALA A 240 17.10 -11.82 -12.27
CA ALA A 240 16.82 -12.81 -11.23
C ALA A 240 17.18 -14.23 -11.66
N SER A 241 16.96 -14.54 -12.94
CA SER A 241 17.29 -15.85 -13.49
C SER A 241 18.79 -16.17 -13.43
N LYS A 242 19.62 -15.13 -13.40
CA LYS A 242 21.07 -15.30 -13.25
C LYS A 242 21.48 -16.00 -11.94
N TYR A 243 20.62 -15.95 -10.91
CA TYR A 243 20.91 -16.59 -9.63
C TYR A 243 20.10 -17.87 -9.44
N ALA A 244 20.67 -18.82 -8.69
CA ALA A 244 20.03 -20.12 -8.47
C ALA A 244 18.81 -20.04 -7.53
N GLN A 245 18.90 -19.20 -6.51
CA GLN A 245 17.75 -18.91 -5.62
C GLN A 245 17.59 -17.40 -5.42
N MET A 246 16.40 -17.02 -4.96
CA MET A 246 16.09 -15.61 -4.67
C MET A 246 16.94 -15.04 -3.53
N GLN A 247 17.40 -15.91 -2.64
CA GLN A 247 18.35 -15.53 -1.59
C GLN A 247 19.55 -14.80 -2.19
N GLU A 248 20.16 -15.41 -3.21
CA GLU A 248 21.34 -14.86 -3.89
C GLU A 248 21.04 -13.56 -4.64
N TYR A 249 19.87 -13.51 -5.27
CA TYR A 249 19.45 -12.34 -6.05
C TYR A 249 19.21 -11.13 -5.15
N MET A 250 18.50 -11.35 -4.05
CA MET A 250 18.21 -10.27 -3.11
C MET A 250 19.45 -9.78 -2.38
N ASP A 251 20.48 -10.62 -2.27
CA ASP A 251 21.77 -10.19 -1.73
C ASP A 251 22.48 -9.22 -2.67
N ASP A 252 22.30 -9.41 -3.97
CA ASP A 252 22.91 -8.51 -4.96
C ASP A 252 22.07 -7.23 -5.09
N VAL A 253 20.75 -7.36 -4.99
CA VAL A 253 19.88 -6.19 -4.93
C VAL A 253 20.29 -5.32 -3.75
N GLU A 254 20.40 -5.92 -2.56
CA GLU A 254 20.91 -5.23 -1.38
C GLU A 254 22.27 -4.58 -1.60
N PHE A 255 23.17 -5.29 -2.27
CA PHE A 255 24.48 -4.74 -2.62
C PHE A 255 24.33 -3.52 -3.52
N LYS A 256 23.55 -3.66 -4.60
CA LYS A 256 23.33 -2.57 -5.53
C LYS A 256 22.71 -1.34 -4.86
N ILE A 257 21.87 -1.59 -3.85
CA ILE A 257 21.25 -0.51 -3.07
C ILE A 257 22.28 0.16 -2.18
N LYS A 258 23.00 -0.63 -1.38
CA LYS A 258 23.99 -0.08 -0.44
C LYS A 258 25.23 0.49 -1.11
N SER A 259 25.48 0.08 -2.35
CA SER A 259 26.56 0.68 -3.15
C SER A 259 26.14 2.02 -3.77
N ASN A 260 24.89 2.43 -3.55
CA ASN A 260 24.35 3.68 -4.07
C ASN A 260 24.41 3.77 -5.59
N GLN A 261 24.21 2.64 -6.25
CA GLN A 261 24.19 2.58 -7.72
C GLN A 261 22.86 3.07 -8.29
N SER A 262 21.85 3.21 -7.44
CA SER A 262 20.51 3.63 -7.85
C SER A 262 20.15 5.00 -7.28
N GLN A 263 19.25 5.71 -7.97
CA GLN A 263 18.58 6.87 -7.39
C GLN A 263 17.52 6.40 -6.40
N SER A 264 17.27 7.21 -5.37
CA SER A 264 16.30 6.86 -4.33
C SER A 264 15.57 8.11 -3.84
N VAL A 265 14.25 8.10 -3.87
CA VAL A 265 13.44 9.18 -3.26
C VAL A 265 12.87 8.69 -1.92
N ALA A 266 12.82 9.58 -0.93
CA ALA A 266 12.32 9.24 0.41
C ALA A 266 11.11 10.08 0.74
N TYR A 267 10.06 9.44 1.26
CA TYR A 267 8.82 10.14 1.63
C TYR A 267 8.32 9.77 3.02
N ALA A 268 7.87 10.77 3.75
CA ALA A 268 7.24 10.56 5.06
C ALA A 268 5.90 11.29 5.10
N PRO A 269 4.86 10.70 4.47
CA PRO A 269 3.52 11.28 4.51
C PRO A 269 3.01 11.44 5.94
N GLY A 270 2.32 12.56 6.18
CA GLY A 270 1.70 12.81 7.48
C GLY A 270 0.36 12.11 7.57
N PRO A 271 -0.17 11.96 8.79
CA PRO A 271 -1.45 11.28 8.97
C PRO A 271 -2.53 11.79 8.02
N GLY A 272 -3.10 10.89 7.22
CA GLY A 272 -4.16 11.26 6.29
C GLY A 272 -3.69 11.51 4.85
N ASP A 273 -2.38 11.64 4.65
CA ASP A 273 -1.83 11.81 3.31
C ASP A 273 -1.73 10.44 2.63
N MET A 274 -2.13 10.34 1.36
CA MET A 274 -1.96 9.10 0.61
C MET A 274 -0.70 9.13 -0.25
N LEU A 275 0.09 8.06 -0.16
CA LEU A 275 1.17 7.83 -1.11
C LEU A 275 0.65 6.80 -2.11
N LEU A 276 0.75 7.13 -3.40
CA LEU A 276 0.32 6.24 -4.46
C LEU A 276 1.44 6.12 -5.50
N PHE A 277 2.09 4.95 -5.55
CA PHE A 277 3.30 4.77 -6.35
C PHE A 277 3.36 3.38 -7.00
N ASN A 278 4.34 3.20 -7.90
CA ASN A 278 4.47 1.98 -8.70
C ASN A 278 5.32 0.95 -7.97
N GLY A 279 4.73 0.32 -6.95
CA GLY A 279 5.43 -0.64 -6.11
C GLY A 279 5.79 -1.97 -6.77
N GLY A 280 5.04 -2.33 -7.82
CA GLY A 280 5.31 -3.57 -8.57
C GLY A 280 6.54 -3.47 -9.45
N ARG A 281 6.90 -2.25 -9.83
CA ARG A 281 8.00 -1.99 -10.76
C ARG A 281 9.32 -1.67 -10.05
N TYR A 282 9.25 -0.89 -8.98
CA TYR A 282 10.45 -0.39 -8.32
C TYR A 282 10.64 -0.97 -6.93
N TYR A 283 11.89 -1.29 -6.60
CA TYR A 283 12.23 -1.76 -5.27
C TYR A 283 12.08 -0.61 -4.28
N HIS A 284 11.64 -0.94 -3.07
CA HIS A 284 11.38 0.07 -2.05
C HIS A 284 11.37 -0.54 -0.67
N ARG A 285 11.52 0.31 0.34
CA ARG A 285 11.54 -0.12 1.74
C ARG A 285 10.99 0.97 2.64
N VAL A 286 10.50 0.57 3.82
CA VAL A 286 10.16 1.52 4.87
C VAL A 286 11.27 1.47 5.92
N SER A 287 11.87 2.63 6.21
CA SER A 287 13.02 2.68 7.11
C SER A 287 12.62 2.40 8.57
N GLU A 288 13.63 2.11 9.37
CA GLU A 288 13.46 1.73 10.77
C GLU A 288 12.77 2.82 11.58
N VAL A 289 11.73 2.43 12.32
CA VAL A 289 10.99 3.35 13.19
C VAL A 289 11.85 3.74 14.40
N ILE A 290 11.89 5.04 14.68
CA ILE A 290 12.60 5.60 15.82
C ILE A 290 11.60 6.15 16.81
N GLY A 291 11.83 5.91 18.11
CA GLY A 291 10.95 6.42 19.16
C GLY A 291 9.75 5.54 19.39
N ASN A 292 9.07 5.77 20.51
CA ASN A 292 8.01 4.89 21.00
C ASN A 292 6.76 4.81 20.13
N SER A 293 6.36 5.93 19.53
CA SER A 293 5.13 5.95 18.75
C SER A 293 5.27 5.09 17.48
N PRO A 294 4.31 4.16 17.25
CA PRO A 294 4.39 3.28 16.08
C PRO A 294 3.95 3.95 14.79
N ARG A 295 4.44 3.41 13.68
CA ARG A 295 3.93 3.78 12.37
C ARG A 295 2.75 2.87 12.08
N ARG A 296 1.58 3.46 11.89
CA ARG A 296 0.39 2.70 11.48
C ARG A 296 -0.09 3.23 10.14
N THR A 297 -0.15 2.34 9.14
CA THR A 297 -0.65 2.68 7.81
C THR A 297 -1.78 1.75 7.44
N ILE A 298 -2.68 2.24 6.59
CA ILE A 298 -3.74 1.43 6.03
C ILE A 298 -3.55 1.47 4.51
N GLY A 299 -3.20 0.32 3.93
CA GLY A 299 -2.75 0.30 2.54
C GLY A 299 -3.15 -0.95 1.78
N GLY A 300 -2.82 -0.95 0.49
CA GLY A 300 -3.12 -2.08 -0.38
C GLY A 300 -2.48 -1.94 -1.76
N PHE A 301 -3.21 -2.40 -2.77
CA PHE A 301 -2.76 -2.32 -4.15
C PHE A 301 -3.93 -1.91 -5.04
N LEU A 302 -3.61 -1.63 -6.30
CA LEU A 302 -4.63 -1.38 -7.31
C LEU A 302 -4.08 -1.60 -8.72
N ALA A 303 -4.99 -1.86 -9.65
CA ALA A 303 -4.63 -2.16 -11.05
C ALA A 303 -5.84 -2.01 -11.98
N PHE A 304 -5.57 -1.90 -13.28
CA PHE A 304 -6.63 -1.84 -14.28
C PHE A 304 -7.22 -3.22 -14.47
N SER A 305 -8.50 -3.28 -14.80
CA SER A 305 -9.14 -4.54 -15.16
C SER A 305 -8.54 -5.10 -16.46
N LYS A 306 -9.02 -6.29 -16.86
CA LYS A 306 -8.58 -6.91 -18.11
C LYS A 306 -8.86 -6.01 -19.31
N GLN A 307 -10.01 -5.34 -19.31
CA GLN A 307 -10.42 -4.50 -20.43
C GLN A 307 -10.06 -3.02 -20.22
N ARG A 308 -9.47 -2.69 -19.08
CA ARG A 308 -9.27 -1.29 -18.65
C ARG A 308 -10.59 -0.51 -18.59
N ASP A 309 -11.66 -1.21 -18.23
CA ASP A 309 -12.99 -0.59 -18.04
C ASP A 309 -13.32 -0.46 -16.55
N LYS A 310 -12.40 -0.91 -15.69
CA LYS A 310 -12.54 -0.76 -14.24
C LYS A 310 -11.16 -0.48 -13.63
N ILE A 311 -11.19 -0.11 -12.35
CA ILE A 311 -10.01 -0.16 -11.50
C ILE A 311 -10.37 -0.99 -10.27
N TYR A 312 -9.58 -2.03 -10.00
CA TYR A 312 -9.75 -2.83 -8.79
C TYR A 312 -8.71 -2.44 -7.74
N TYR A 313 -9.12 -2.41 -6.47
CA TYR A 313 -8.21 -2.14 -5.37
C TYR A 313 -8.46 -3.12 -4.22
N TRP A 314 -7.38 -3.64 -3.66
CA TRP A 314 -7.43 -4.73 -2.69
C TRP A 314 -6.17 -4.76 -1.85
N SER A 315 -6.09 -5.72 -0.93
CA SER A 315 -4.84 -6.01 -0.23
C SER A 315 -4.77 -7.50 0.11
#